data_3EMM
#
_entry.id   3EMM
#
_cell.length_a   59.749
_cell.length_b   79.732
_cell.length_c   36.971
_cell.angle_alpha   90.000
_cell.angle_beta   90.000
_cell.angle_gamma   90.000
#
_symmetry.space_group_name_H-M   'P 21 21 2'
#
loop_
_entity.id
_entity.type
_entity.pdbx_description
1 polymer 'Uncharacterized protein At1g79260'
2 non-polymer 'PROTOPORPHYRIN IX CONTAINING FE'
3 non-polymer 1,2-ETHANEDIOL
4 water water
#
_entity_poly.entity_id   1
_entity_poly.type   'polypeptide(L)'
_entity_poly.pdbx_seq_one_letter_code
;MNQLQQLQNPGESPPVHPFVAPLSYLLGTWRGQGEGEYPTIPSFRYGEEIRFSHSGKPVIAYTQKTWKLESGAPMHAESG
YFRPRPDGSIEVVIAQSTGLVEVQKGTYNVDEQSIKLKSDLVGNASKVKEISREFELVDGKLSYVVRMSTTTNPLQPHLK
AILDKL
;
_entity_poly.pdbx_strand_id   A
#
# COMPACT_ATOMS: atom_id res chain seq x y z
N PRO A 14 16.47 -15.53 -8.10
CA PRO A 14 15.65 -16.19 -9.10
C PRO A 14 15.05 -15.20 -10.11
N PRO A 15 14.70 -15.68 -11.31
CA PRO A 15 14.09 -14.77 -12.25
C PRO A 15 12.70 -14.34 -11.77
N VAL A 16 12.25 -13.19 -12.25
CA VAL A 16 10.92 -12.69 -11.96
C VAL A 16 9.88 -13.64 -12.57
N HIS A 17 8.92 -14.08 -11.76
CA HIS A 17 7.81 -14.93 -12.25
C HIS A 17 7.00 -14.16 -13.30
N PRO A 18 6.52 -14.86 -14.35
CA PRO A 18 5.70 -14.16 -15.36
C PRO A 18 4.46 -13.43 -14.81
N PHE A 19 3.91 -13.85 -13.67
CA PHE A 19 2.76 -13.13 -13.11
C PHE A 19 3.19 -11.83 -12.43
N VAL A 20 4.45 -11.77 -11.99
CA VAL A 20 5.00 -10.60 -11.28
C VAL A 20 5.57 -9.59 -12.27
N ALA A 21 6.06 -10.05 -13.42
CA ALA A 21 6.73 -9.19 -14.39
C ALA A 21 5.95 -7.90 -14.75
N PRO A 22 4.61 -7.96 -14.93
CA PRO A 22 3.90 -6.69 -15.23
C PRO A 22 4.00 -5.62 -14.14
N LEU A 23 4.34 -6.04 -12.91
CA LEU A 23 4.50 -5.11 -11.80
C LEU A 23 5.96 -4.95 -11.41
N SER A 24 6.87 -5.29 -12.33
CA SER A 24 8.30 -5.23 -12.00
C SER A 24 8.76 -3.82 -11.66
N TYR A 25 8.04 -2.81 -12.15
CA TYR A 25 8.37 -1.40 -11.84
C TYR A 25 8.36 -1.12 -10.34
N LEU A 26 7.65 -1.95 -9.55
CA LEU A 26 7.62 -1.77 -8.09
C LEU A 26 8.89 -2.24 -7.39
N LEU A 27 9.58 -3.20 -7.98
CA LEU A 27 10.67 -3.86 -7.26
C LEU A 27 11.79 -2.90 -6.92
N GLY A 28 12.19 -2.89 -5.66
CA GLY A 28 13.21 -1.97 -5.17
C GLY A 28 12.76 -1.32 -3.88
N THR A 29 13.45 -0.26 -3.47
CA THR A 29 13.15 0.49 -2.27
C THR A 29 12.78 1.92 -2.66
N TRP A 30 11.80 2.44 -1.95
CA TRP A 30 11.19 3.73 -2.23
C TRP A 30 11.20 4.55 -0.95
N ARG A 31 11.46 5.84 -1.03
CA ARG A 31 11.40 6.68 0.16
C ARG A 31 10.78 8.03 -0.17
N GLY A 32 9.93 8.53 0.72
CA GLY A 32 9.32 9.82 0.47
C GLY A 32 8.55 10.27 1.69
N GLN A 33 7.46 10.97 1.45
CA GLN A 33 6.69 11.48 2.57
C GLN A 33 5.23 11.55 2.22
N GLY A 34 4.44 11.62 3.27
CA GLY A 34 3.00 11.62 3.14
C GLY A 34 2.32 12.57 4.09
N GLU A 35 1.01 12.66 3.90
CA GLU A 35 0.15 13.46 4.76
C GLU A 35 -1.02 12.60 5.17
N GLY A 36 -1.35 12.65 6.47
CA GLY A 36 -2.45 11.89 7.02
C GLY A 36 -3.53 12.86 7.49
N GLU A 37 -4.78 12.41 7.46
CA GLU A 37 -5.94 13.26 7.74
C GLU A 37 -7.16 12.41 8.06
N TYR A 38 -8.17 13.03 8.65
CA TYR A 38 -9.48 12.42 8.82
C TYR A 38 -10.32 13.46 9.53
N PRO A 39 -11.64 13.49 9.28
CA PRO A 39 -12.49 14.51 9.92
C PRO A 39 -12.34 14.59 11.44
N THR A 40 -11.92 13.47 12.05
CA THR A 40 -11.89 13.31 13.51
C THR A 40 -10.52 13.66 14.14
N ILE A 41 -9.51 13.90 13.32
CA ILE A 41 -8.13 14.08 13.81
C ILE A 41 -7.47 15.30 13.15
N PRO A 42 -6.40 15.85 13.78
CA PRO A 42 -5.67 16.89 13.08
C PRO A 42 -4.78 16.27 12.02
N SER A 43 -4.59 16.97 10.89
CA SER A 43 -3.72 16.49 9.84
C SER A 43 -2.28 16.39 10.35
N PHE A 44 -1.54 15.44 9.79
CA PHE A 44 -0.14 15.22 10.16
C PHE A 44 0.68 14.85 8.93
N ARG A 45 1.99 14.93 9.08
CA ARG A 45 2.91 14.52 8.03
C ARG A 45 3.82 13.40 8.52
N TYR A 46 4.31 12.61 7.58
CA TYR A 46 5.17 11.49 7.93
C TYR A 46 6.14 11.19 6.82
N GLY A 47 7.25 10.57 7.18
CA GLY A 47 8.18 10.00 6.22
C GLY A 47 7.84 8.54 6.03
N GLU A 48 8.13 7.99 4.86
CA GLU A 48 7.82 6.59 4.59
C GLU A 48 8.89 5.96 3.73
N GLU A 49 9.14 4.69 4.00
CA GLU A 49 10.01 3.86 3.16
C GLU A 49 9.31 2.54 2.89
N ILE A 50 9.29 2.11 1.63
CA ILE A 50 8.66 0.87 1.22
C ILE A 50 9.67 0.03 0.47
N ARG A 51 9.69 -1.27 0.73
CA ARG A 51 10.46 -2.20 -0.09
C ARG A 51 9.54 -3.25 -0.72
N PHE A 52 9.72 -3.47 -2.02
CA PHE A 52 9.05 -4.55 -2.74
C PHE A 52 10.13 -5.49 -3.22
N SER A 53 9.95 -6.78 -2.97
CA SER A 53 10.95 -7.78 -3.32
C SER A 53 10.26 -9.07 -3.74
N HIS A 54 11.02 -10.05 -4.23
CA HIS A 54 10.40 -11.31 -4.64
C HIS A 54 11.40 -12.44 -4.54
N SER A 55 10.90 -13.67 -4.64
CA SER A 55 11.73 -14.86 -4.52
CA SER A 55 11.70 -14.88 -4.50
C SER A 55 11.40 -15.85 -5.63
N GLY A 56 10.95 -15.32 -6.77
CA GLY A 56 10.66 -16.16 -7.95
C GLY A 56 9.28 -16.76 -8.01
N LYS A 57 8.48 -16.52 -6.96
CA LYS A 57 7.09 -16.98 -6.90
C LYS A 57 6.15 -15.92 -7.49
N PRO A 58 4.87 -16.27 -7.74
CA PRO A 58 3.95 -15.25 -8.27
C PRO A 58 3.44 -14.31 -7.18
N VAL A 59 4.40 -13.76 -6.43
CA VAL A 59 4.11 -12.99 -5.21
C VAL A 59 5.20 -11.95 -5.05
N ILE A 60 4.81 -10.75 -4.66
CA ILE A 60 5.74 -9.68 -4.33
C ILE A 60 5.60 -9.41 -2.83
N ALA A 61 6.71 -9.51 -2.10
CA ALA A 61 6.75 -9.12 -0.67
C ALA A 61 6.79 -7.61 -0.54
N TYR A 62 6.04 -7.08 0.42
CA TYR A 62 5.90 -5.66 0.68
C TYR A 62 6.19 -5.38 2.15
N THR A 63 6.99 -4.35 2.43
CA THR A 63 7.24 -3.91 3.79
CA THR A 63 7.21 -3.90 3.80
C THR A 63 7.25 -2.39 3.82
N GLN A 64 6.68 -1.81 4.87
CA GLN A 64 6.61 -0.37 5.07
C GLN A 64 7.13 -0.02 6.42
N LYS A 65 7.81 1.11 6.50
CA LYS A 65 7.95 1.79 7.77
C LYS A 65 7.71 3.29 7.60
N THR A 66 7.28 3.92 8.68
CA THR A 66 7.00 5.36 8.67
C THR A 66 7.62 6.00 9.90
N TRP A 67 7.80 7.31 9.82
CA TRP A 67 8.41 8.05 10.92
C TRP A 67 7.95 9.48 10.95
N LYS A 68 8.14 10.13 12.10
CA LYS A 68 7.95 11.57 12.22
C LYS A 68 9.10 12.28 11.50
N LEU A 69 8.77 13.25 10.66
CA LEU A 69 9.79 13.97 9.89
C LEU A 69 10.76 14.77 10.77
N GLU A 70 10.22 15.45 11.77
CA GLU A 70 11.01 16.35 12.61
C GLU A 70 11.98 15.63 13.56
N SER A 71 11.72 14.34 13.82
CA SER A 71 12.49 13.60 14.82
C SER A 71 13.08 12.30 14.28
N GLY A 72 12.42 11.70 13.29
CA GLY A 72 12.82 10.39 12.80
C GLY A 72 12.24 9.28 13.66
N ALA A 73 11.41 9.65 14.62
CA ALA A 73 10.79 8.70 15.54
C ALA A 73 9.87 7.74 14.79
N PRO A 74 10.07 6.43 14.96
CA PRO A 74 9.20 5.45 14.29
C PRO A 74 7.72 5.65 14.56
N MET A 75 6.92 5.48 13.51
CA MET A 75 5.47 5.42 13.62
C MET A 75 5.02 4.01 13.11
N HIS A 76 3.97 3.97 12.31
CA HIS A 76 3.29 2.76 11.81
C HIS A 76 4.25 1.87 10.98
N ALA A 77 4.06 0.57 11.04
CA ALA A 77 4.73 -0.34 10.08
C ALA A 77 3.68 -1.32 9.59
N GLU A 78 3.92 -1.91 8.43
CA GLU A 78 3.06 -2.98 7.94
C GLU A 78 3.83 -3.80 6.95
N SER A 79 3.30 -4.99 6.66
CA SER A 79 3.96 -5.89 5.72
C SER A 79 2.96 -6.84 5.13
N GLY A 80 3.29 -7.38 3.97
CA GLY A 80 2.36 -8.28 3.33
C GLY A 80 2.83 -8.73 1.97
N TYR A 81 1.86 -9.13 1.15
CA TYR A 81 2.15 -9.80 -0.11
C TYR A 81 1.16 -9.37 -1.17
N PHE A 82 1.71 -9.04 -2.34
CA PHE A 82 0.92 -8.68 -3.53
C PHE A 82 0.91 -9.87 -4.50
N ARG A 83 -0.28 -10.28 -4.95
CA ARG A 83 -0.43 -11.49 -5.79
C ARG A 83 -1.17 -11.16 -7.07
N PRO A 84 -0.43 -10.68 -8.09
CA PRO A 84 -1.05 -10.32 -9.36
C PRO A 84 -1.26 -11.54 -10.25
N ARG A 85 -2.26 -11.44 -11.14
CA ARG A 85 -2.55 -12.51 -12.10
C ARG A 85 -2.69 -11.93 -13.51
N PRO A 86 -2.44 -12.77 -14.54
CA PRO A 86 -2.37 -12.24 -15.91
C PRO A 86 -3.66 -11.66 -16.45
N ASP A 87 -4.81 -11.99 -15.87
CA ASP A 87 -6.06 -11.33 -16.26
C ASP A 87 -6.16 -9.87 -15.75
N GLY A 88 -5.15 -9.40 -15.05
CA GLY A 88 -5.19 -8.04 -14.52
C GLY A 88 -5.79 -7.95 -13.13
N SER A 89 -6.21 -9.07 -12.56
CA SER A 89 -6.67 -9.07 -11.17
C SER A 89 -5.49 -9.17 -10.20
N ILE A 90 -5.76 -8.81 -8.96
CA ILE A 90 -4.72 -8.86 -7.93
C ILE A 90 -5.37 -8.93 -6.57
N GLU A 91 -4.75 -9.71 -5.68
CA GLU A 91 -5.11 -9.70 -4.28
CA GLU A 91 -5.11 -9.76 -4.27
C GLU A 91 -3.87 -9.33 -3.47
N VAL A 92 -4.09 -8.61 -2.39
CA VAL A 92 -3.00 -8.12 -1.53
C VAL A 92 -3.41 -8.41 -0.09
N VAL A 93 -2.53 -9.03 0.66
CA VAL A 93 -2.79 -9.27 2.09
C VAL A 93 -1.77 -8.50 2.91
N ILE A 94 -2.24 -7.80 3.95
CA ILE A 94 -1.38 -6.96 4.78
C ILE A 94 -1.69 -7.15 6.25
N ALA A 95 -0.63 -7.24 7.05
CA ALA A 95 -0.72 -7.17 8.51
C ALA A 95 -0.09 -5.85 8.95
N GLN A 96 -0.72 -5.16 9.90
CA GLN A 96 -0.24 -3.86 10.36
C GLN A 96 0.25 -3.93 11.79
N SER A 97 1.25 -3.11 12.10
CA SER A 97 1.84 -3.08 13.43
C SER A 97 0.82 -2.76 14.54
N THR A 98 -0.26 -2.08 14.16
CA THR A 98 -1.33 -1.69 15.07
C THR A 98 -2.27 -2.84 15.41
N GLY A 99 -2.10 -3.99 14.76
CA GLY A 99 -2.90 -5.19 15.04
C GLY A 99 -4.05 -5.44 14.09
N LEU A 100 -4.08 -4.73 12.98
CA LEU A 100 -5.09 -5.00 11.94
C LEU A 100 -4.57 -5.96 10.89
N VAL A 101 -5.47 -6.71 10.26
CA VAL A 101 -5.18 -7.39 9.00
C VAL A 101 -6.15 -6.92 7.94
N GLU A 102 -5.73 -7.03 6.69
CA GLU A 102 -6.60 -6.64 5.60
C GLU A 102 -6.40 -7.53 4.40
N VAL A 103 -7.51 -7.85 3.74
CA VAL A 103 -7.47 -8.53 2.45
C VAL A 103 -8.00 -7.56 1.43
N GLN A 104 -7.16 -7.22 0.47
CA GLN A 104 -7.48 -6.27 -0.58
C GLN A 104 -7.63 -7.01 -1.90
N LYS A 105 -8.63 -6.64 -2.69
CA LYS A 105 -8.82 -7.22 -4.02
C LYS A 105 -9.05 -6.12 -5.02
N GLY A 106 -8.60 -6.33 -6.23
CA GLY A 106 -8.82 -5.33 -7.27
C GLY A 106 -8.10 -5.68 -8.53
N THR A 107 -7.59 -4.65 -9.20
CA THR A 107 -7.04 -4.79 -10.53
C THR A 107 -5.79 -3.93 -10.67
N TYR A 108 -4.94 -4.30 -11.62
CA TYR A 108 -3.84 -3.43 -12.02
C TYR A 108 -3.98 -3.13 -13.50
N ASN A 109 -3.45 -1.98 -13.89
CA ASN A 109 -3.53 -1.52 -15.26
C ASN A 109 -2.13 -1.27 -15.77
N VAL A 110 -1.74 -1.99 -16.81
CA VAL A 110 -0.37 -1.94 -17.33
C VAL A 110 -0.04 -0.61 -17.98
N ASP A 111 -0.99 -0.08 -18.76
CA ASP A 111 -0.74 1.16 -19.50
C ASP A 111 -0.60 2.36 -18.57
N GLU A 112 -1.34 2.35 -17.47
CA GLU A 112 -1.30 3.43 -16.50
C GLU A 112 -0.26 3.20 -15.39
N GLN A 113 0.24 1.97 -15.26
CA GLN A 113 1.06 1.59 -14.11
C GLN A 113 0.34 1.98 -12.81
N SER A 114 -0.90 1.52 -12.69
CA SER A 114 -1.72 1.79 -11.53
C SER A 114 -2.26 0.50 -10.94
N ILE A 115 -2.65 0.56 -9.68
CA ILE A 115 -3.21 -0.58 -8.97
C ILE A 115 -4.37 -0.04 -8.12
N LYS A 116 -5.54 -0.65 -8.24
CA LYS A 116 -6.72 -0.20 -7.49
C LYS A 116 -7.29 -1.36 -6.68
N LEU A 117 -7.38 -1.15 -5.37
CA LEU A 117 -7.76 -2.19 -4.42
C LEU A 117 -8.83 -1.70 -3.47
N LYS A 118 -9.74 -2.61 -3.12
CA LYS A 118 -10.68 -2.36 -2.04
CA LYS A 118 -10.75 -2.39 -2.08
C LYS A 118 -10.77 -3.59 -1.15
N SER A 119 -10.98 -3.37 0.14
CA SER A 119 -10.94 -4.48 1.09
C SER A 119 -12.14 -5.41 0.98
N ASP A 120 -11.85 -6.71 0.97
CA ASP A 120 -12.83 -7.77 1.12
C ASP A 120 -13.02 -8.11 2.62
N LEU A 121 -12.01 -7.78 3.43
CA LEU A 121 -12.02 -8.09 4.87
CA LEU A 121 -11.98 -8.12 4.85
C LEU A 121 -11.04 -7.16 5.57
N VAL A 122 -11.47 -6.65 6.73
CA VAL A 122 -10.62 -5.94 7.68
C VAL A 122 -10.79 -6.68 9.01
N GLY A 123 -9.70 -7.21 9.54
CA GLY A 123 -9.73 -8.03 10.75
C GLY A 123 -9.12 -7.34 11.95
N ASN A 124 -9.73 -7.59 13.11
CA ASN A 124 -9.24 -7.09 14.39
C ASN A 124 -9.28 -5.58 14.56
N ALA A 125 -10.19 -4.93 13.85
CA ALA A 125 -10.38 -3.49 13.94
C ALA A 125 -11.37 -3.15 15.04
N SER A 126 -11.16 -2.01 15.69
CA SER A 126 -12.16 -1.52 16.61
C SER A 126 -13.12 -0.54 15.95
N LYS A 127 -12.65 0.15 14.90
CA LYS A 127 -13.38 1.25 14.29
C LYS A 127 -13.50 1.13 12.77
N VAL A 128 -12.47 0.61 12.10
CA VAL A 128 -12.42 0.61 10.65
C VAL A 128 -13.30 -0.47 10.06
N LYS A 129 -14.03 -0.10 9.02
CA LYS A 129 -14.92 -1.04 8.32
C LYS A 129 -14.36 -1.48 6.97
N GLU A 130 -14.06 -0.52 6.10
CA GLU A 130 -13.43 -0.81 4.81
C GLU A 130 -12.20 0.06 4.62
N ILE A 131 -11.27 -0.45 3.82
CA ILE A 131 -10.09 0.29 3.41
C ILE A 131 -9.94 0.14 1.90
N SER A 132 -9.62 1.23 1.20
CA SER A 132 -9.22 1.10 -0.21
C SER A 132 -7.83 1.68 -0.36
N ARG A 133 -7.08 1.14 -1.31
CA ARG A 133 -5.71 1.59 -1.55
C ARG A 133 -5.53 1.70 -3.04
N GLU A 134 -5.07 2.87 -3.50
CA GLU A 134 -4.86 3.09 -4.93
C GLU A 134 -3.45 3.60 -5.16
N PHE A 135 -2.71 2.93 -6.03
CA PHE A 135 -1.32 3.28 -6.34
C PHE A 135 -1.22 3.71 -7.78
N GLU A 136 -0.31 4.63 -8.07
CA GLU A 136 0.01 4.95 -9.46
C GLU A 136 1.44 5.43 -9.56
N LEU A 137 2.11 5.01 -10.62
CA LEU A 137 3.43 5.53 -10.89
C LEU A 137 3.28 6.82 -11.70
N VAL A 138 3.82 7.92 -11.19
CA VAL A 138 3.68 9.22 -11.84
C VAL A 138 5.06 9.82 -11.99
N ASP A 139 5.46 10.02 -13.24
CA ASP A 139 6.83 10.46 -13.55
C ASP A 139 7.89 9.66 -12.78
N GLY A 140 7.67 8.35 -12.70
CA GLY A 140 8.62 7.46 -12.06
C GLY A 140 8.56 7.40 -10.53
N LYS A 141 7.67 8.17 -9.92
CA LYS A 141 7.50 8.20 -8.47
C LYS A 141 6.27 7.38 -8.11
N LEU A 142 6.30 6.71 -6.95
CA LEU A 142 5.15 5.95 -6.53
C LEU A 142 4.24 6.80 -5.67
N SER A 143 2.98 6.97 -6.12
CA SER A 143 1.98 7.74 -5.38
CA SER A 143 2.01 7.72 -5.34
C SER A 143 0.88 6.81 -4.90
N TYR A 144 0.35 7.07 -3.71
CA TYR A 144 -0.83 6.32 -3.29
C TYR A 144 -1.80 7.18 -2.51
N VAL A 145 -3.05 6.71 -2.46
CA VAL A 145 -4.05 7.25 -1.55
C VAL A 145 -4.68 6.06 -0.84
N VAL A 146 -4.74 6.14 0.48
CA VAL A 146 -5.46 5.16 1.29
C VAL A 146 -6.71 5.85 1.82
N ARG A 147 -7.86 5.23 1.57
CA ARG A 147 -9.15 5.68 2.10
C ARG A 147 -9.65 4.66 3.11
N MET A 148 -10.43 5.11 4.10
CA MET A 148 -11.04 4.18 5.03
C MET A 148 -12.40 4.68 5.45
N SER A 149 -13.27 3.75 5.82
CA SER A 149 -14.56 4.05 6.43
C SER A 149 -14.48 3.59 7.89
N THR A 150 -15.18 4.30 8.77
CA THR A 150 -15.24 3.88 10.16
C THR A 150 -16.69 3.71 10.56
N THR A 151 -16.89 3.30 11.81
CA THR A 151 -18.23 3.19 12.38
C THR A 151 -19.02 4.51 12.28
N THR A 152 -18.31 5.64 12.26
CA THR A 152 -18.94 6.97 12.24
C THR A 152 -18.70 7.82 10.97
N ASN A 153 -17.90 7.31 10.03
CA ASN A 153 -17.55 8.07 8.81
C ASN A 153 -17.47 7.21 7.54
N PRO A 154 -18.02 7.73 6.40
CA PRO A 154 -17.95 6.97 5.14
C PRO A 154 -16.54 6.92 4.53
N LEU A 155 -16.37 6.03 3.56
CA LEU A 155 -15.08 5.84 2.89
C LEU A 155 -14.51 7.17 2.38
N GLN A 156 -13.34 7.56 2.89
CA GLN A 156 -12.71 8.82 2.52
C GLN A 156 -11.21 8.78 2.86
N PRO A 157 -10.41 9.70 2.29
CA PRO A 157 -8.95 9.62 2.49
C PRO A 157 -8.45 9.71 3.93
N HIS A 158 -7.47 8.85 4.25
CA HIS A 158 -6.72 8.94 5.49
C HIS A 158 -5.26 9.26 5.21
N LEU A 159 -4.71 8.73 4.11
CA LEU A 159 -3.28 8.90 3.80
C LEU A 159 -3.05 9.19 2.33
N LYS A 160 -2.05 10.00 2.05
CA LYS A 160 -1.57 10.20 0.69
C LYS A 160 -0.07 10.38 0.77
N ALA A 161 0.66 9.73 -0.14
CA ALA A 161 2.12 9.84 -0.12
C ALA A 161 2.69 9.72 -1.51
N ILE A 162 3.87 10.31 -1.69
CA ILE A 162 4.63 10.16 -2.93
C ILE A 162 6.05 9.78 -2.54
N LEU A 163 6.56 8.74 -3.20
CA LEU A 163 7.89 8.21 -2.88
C LEU A 163 8.77 8.13 -4.10
N ASP A 164 10.05 8.42 -3.90
CA ASP A 164 11.04 8.31 -4.97
C ASP A 164 11.71 6.94 -4.91
N LYS A 165 12.03 6.38 -6.06
CA LYS A 165 12.74 5.12 -6.09
CA LYS A 165 12.75 5.12 -6.13
C LYS A 165 14.21 5.38 -5.81
N LEU A 166 14.76 4.62 -4.86
CA LEU A 166 16.16 4.79 -4.44
C LEU A 166 17.10 4.07 -5.36
#